data_4PYR
#
_entry.id   4PYR
#
_cell.length_a   41.182
_cell.length_b   72.332
_cell.length_c   45.146
_cell.angle_alpha   90.00
_cell.angle_beta   95.13
_cell.angle_gamma   90.00
#
_symmetry.space_group_name_H-M   'P 1 21 1'
#
loop_
_entity.id
_entity.type
_entity.pdbx_description
1 polymer 'Putative branched-chain amino acid ABC transporter'
2 non-polymer GLUTATHIONE
3 water water
#
_entity_poly.entity_id   1
_entity_poly.type   'polypeptide(L)'
_entity_poly.pdbx_seq_one_letter_code
;KVRIGVILPAESSALGEAAAVVRSGVEAAAQVDQSAELYSVDATGDNVVERYRAAVADGVNVVIGPLSRDSIVKLAPSVT
VPTLALNSVGREAAANPKLYSLSLIVEGEARQLARL(MSE)RDDSRAAPLLVVGGDALSQRLGKAFADEWRAAAGKPVRQ
(MSE)AFDAND(MSE)APLLQAAGQADAVALALDVAQAARLKSALTPDVPVYGTSQLNVGG(MSE)QPELAGVRFID
(MSE)PWFL(MSE)PAHPAVQRYPRPAAPLTRQTERLYALGIDAYRLAVQLAGSRSGAAVRLDGVTGDLKLGRDRAFERQ
LPAGV(MSE)GGNALQ
;
_entity_poly.pdbx_strand_id   A
#
# COMPACT_ATOMS: atom_id res chain seq x y z
N LYS A 1 -2.84 -3.09 30.06
CA LYS A 1 -2.33 -3.37 28.67
C LYS A 1 -3.21 -2.91 27.49
N VAL A 2 -2.74 -3.20 26.30
CA VAL A 2 -3.26 -2.71 25.01
C VAL A 2 -4.52 -3.47 24.59
N ARG A 3 -5.57 -2.69 24.39
CA ARG A 3 -6.84 -3.18 23.88
C ARG A 3 -7.15 -2.48 22.56
N ILE A 4 -7.14 -3.25 21.48
CA ILE A 4 -7.30 -2.66 20.15
C ILE A 4 -8.71 -2.86 19.67
N GLY A 5 -9.39 -1.79 19.29
CA GLY A 5 -10.70 -1.95 18.70
C GLY A 5 -10.48 -2.08 17.22
N VAL A 6 -10.99 -3.17 16.66
CA VAL A 6 -10.84 -3.46 15.22
C VAL A 6 -12.21 -3.19 14.59
N ILE A 7 -12.35 -2.03 13.97
CA ILE A 7 -13.63 -1.50 13.53
C ILE A 7 -13.60 -1.41 12.02
N LEU A 8 -14.19 -2.44 11.40
CA LEU A 8 -14.12 -2.62 9.94
C LEU A 8 -15.50 -2.99 9.45
N PRO A 9 -15.76 -2.79 8.13
CA PRO A 9 -17.06 -3.13 7.55
C PRO A 9 -17.45 -4.59 7.70
N ALA A 10 -18.74 -4.85 7.87
CA ALA A 10 -19.29 -6.20 7.87
C ALA A 10 -19.16 -6.87 6.50
N GLU A 11 -19.26 -8.19 6.51
CA GLU A 11 -19.26 -8.95 5.24
C GLU A 11 -20.03 -8.35 4.02
N SER A 12 -21.24 -7.83 4.22
CA SER A 12 -22.14 -7.37 3.12
C SER A 12 -21.83 -6.00 2.56
N SER A 13 -21.03 -5.21 3.27
CA SER A 13 -20.45 -4.01 2.69
C SER A 13 -19.80 -4.40 1.38
N ALA A 14 -19.72 -3.44 0.49
CA ALA A 14 -18.93 -3.58 -0.72
C ALA A 14 -17.45 -3.76 -0.36
N LEU A 15 -17.06 -3.29 0.83
CA LEU A 15 -15.70 -3.52 1.34
C LEU A 15 -15.56 -4.71 2.30
N GLY A 16 -16.62 -5.49 2.45
CA GLY A 16 -16.60 -6.52 3.49
C GLY A 16 -15.67 -7.69 3.22
N GLU A 17 -15.49 -8.05 1.96
N GLU A 17 -15.51 -8.08 1.95
CA GLU A 17 -14.55 -9.13 1.63
CA GLU A 17 -14.56 -9.14 1.59
C GLU A 17 -13.10 -8.72 1.94
C GLU A 17 -13.13 -8.69 2.00
N ALA A 18 -12.73 -7.50 1.57
CA ALA A 18 -11.44 -6.94 1.95
C ALA A 18 -11.30 -6.85 3.48
N ALA A 19 -12.36 -6.42 4.15
CA ALA A 19 -12.30 -6.24 5.60
C ALA A 19 -12.00 -7.56 6.29
N ALA A 20 -12.61 -8.65 5.80
CA ALA A 20 -12.41 -9.96 6.41
C ALA A 20 -10.95 -10.39 6.27
N VAL A 21 -10.32 -10.13 5.13
CA VAL A 21 -8.90 -10.45 4.94
C VAL A 21 -7.98 -9.62 5.83
N VAL A 22 -8.27 -8.32 5.90
CA VAL A 22 -7.54 -7.49 6.82
C VAL A 22 -7.68 -8.01 8.25
N ARG A 23 -8.90 -8.33 8.67
CA ARG A 23 -9.12 -8.89 10.00
C ARG A 23 -8.27 -10.13 10.24
N SER A 24 -8.16 -10.98 9.23
N SER A 24 -8.15 -10.98 9.24
CA SER A 24 -7.44 -12.24 9.40
CA SER A 24 -7.41 -12.24 9.41
C SER A 24 -5.95 -11.96 9.62
C SER A 24 -5.96 -11.92 9.68
N GLY A 25 -5.44 -10.88 9.04
CA GLY A 25 -4.06 -10.49 9.26
C GLY A 25 -3.85 -9.92 10.65
N VAL A 26 -4.77 -9.05 11.08
CA VAL A 26 -4.73 -8.51 12.43
C VAL A 26 -4.72 -9.61 13.45
N GLU A 27 -5.62 -10.59 13.27
N GLU A 27 -5.59 -10.58 13.25
CA GLU A 27 -5.72 -11.77 14.17
CA GLU A 27 -5.71 -11.67 14.22
C GLU A 27 -4.42 -12.56 14.15
C GLU A 27 -4.48 -12.62 14.15
N ALA A 28 -3.91 -12.86 12.96
CA ALA A 28 -2.64 -13.63 12.85
C ALA A 28 -1.50 -12.95 13.66
N ALA A 29 -1.39 -11.64 13.55
CA ALA A 29 -0.33 -10.92 14.21
C ALA A 29 -0.60 -10.93 15.75
N ALA A 30 -1.86 -10.77 16.16
CA ALA A 30 -2.18 -10.83 17.57
C ALA A 30 -1.84 -12.18 18.19
N GLN A 31 -2.11 -13.27 17.48
CA GLN A 31 -1.78 -14.57 17.99
C GLN A 31 -0.27 -14.81 18.18
N VAL A 32 0.54 -14.23 17.31
CA VAL A 32 1.97 -14.36 17.39
C VAL A 32 2.53 -13.44 18.45
N ASP A 33 2.20 -12.17 18.34
CA ASP A 33 2.86 -11.18 19.16
C ASP A 33 2.32 -11.13 20.57
N GLN A 34 1.03 -11.38 20.76
CA GLN A 34 0.40 -11.45 22.11
C GLN A 34 0.68 -10.29 23.01
N SER A 35 0.68 -9.14 22.35
CA SER A 35 0.98 -7.87 22.97
C SER A 35 -0.30 -7.03 23.16
N ALA A 36 -1.48 -7.56 22.81
CA ALA A 36 -2.74 -6.84 22.89
C ALA A 36 -3.95 -7.78 22.86
N GLU A 37 -5.06 -7.24 23.37
CA GLU A 37 -6.36 -7.87 23.27
C GLU A 37 -7.13 -7.22 22.16
N LEU A 38 -7.86 -7.99 21.36
CA LEU A 38 -8.70 -7.44 20.32
C LEU A 38 -10.16 -7.30 20.79
N TYR A 39 -10.77 -6.19 20.38
CA TYR A 39 -12.21 -5.96 20.54
C TYR A 39 -12.71 -5.73 19.13
N SER A 40 -13.50 -6.66 18.61
CA SER A 40 -13.86 -6.62 17.20
C SER A 40 -15.30 -6.25 17.07
N VAL A 41 -15.56 -5.24 16.26
CA VAL A 41 -16.93 -4.89 15.94
C VAL A 41 -17.02 -4.48 14.47
N ASP A 42 -18.15 -4.82 13.87
CA ASP A 42 -18.46 -4.35 12.52
C ASP A 42 -19.04 -2.95 12.57
N ALA A 43 -18.53 -2.04 11.74
CA ALA A 43 -19.12 -0.73 11.59
C ALA A 43 -18.60 -0.11 10.30
N THR A 44 -19.46 0.70 9.70
CA THR A 44 -19.05 1.56 8.60
C THR A 44 -20.12 2.63 8.47
N GLY A 45 -19.72 3.76 7.89
CA GLY A 45 -20.59 4.90 7.60
C GLY A 45 -21.49 5.34 8.73
N ASP A 46 -22.79 5.12 8.52
CA ASP A 46 -23.86 5.61 9.39
C ASP A 46 -23.76 5.22 10.87
N ASN A 47 -23.08 4.12 11.20
CA ASN A 47 -22.92 3.71 12.61
C ASN A 47 -21.48 3.73 13.15
N VAL A 48 -20.53 4.18 12.32
CA VAL A 48 -19.11 4.07 12.66
C VAL A 48 -18.81 4.91 13.88
N VAL A 49 -19.39 6.10 13.98
CA VAL A 49 -19.13 6.93 15.15
C VAL A 49 -19.68 6.28 16.40
N GLU A 50 -20.93 5.83 16.34
CA GLU A 50 -21.55 5.19 17.50
C GLU A 50 -20.78 3.93 18.00
N ARG A 51 -20.31 3.11 17.07
CA ARG A 51 -19.63 1.88 17.46
C ARG A 51 -18.19 2.15 17.88
N TYR A 52 -17.57 3.15 17.26
CA TYR A 52 -16.27 3.65 17.72
C TYR A 52 -16.44 4.12 19.14
N ARG A 53 -17.42 4.98 19.36
CA ARG A 53 -17.69 5.49 20.70
C ARG A 53 -17.88 4.37 21.70
N ALA A 54 -18.61 3.31 21.33
CA ALA A 54 -18.85 2.24 22.30
C ALA A 54 -17.58 1.38 22.57
N ALA A 55 -16.70 1.26 21.58
CA ALA A 55 -15.45 0.53 21.74
C ALA A 55 -14.58 1.31 22.76
N VAL A 56 -14.51 2.62 22.59
CA VAL A 56 -13.77 3.48 23.51
C VAL A 56 -14.36 3.43 24.92
N ALA A 57 -15.69 3.54 25.01
CA ALA A 57 -16.40 3.37 26.27
C ALA A 57 -16.07 2.02 26.89
N ASP A 58 -15.79 0.99 26.09
CA ASP A 58 -15.45 -0.32 26.65
C ASP A 58 -13.95 -0.52 26.93
N GLY A 59 -13.11 0.50 26.81
CA GLY A 59 -11.73 0.41 27.29
C GLY A 59 -10.71 0.22 26.19
N VAL A 60 -11.15 0.24 24.93
CA VAL A 60 -10.23 0.29 23.80
C VAL A 60 -9.27 1.50 23.92
N ASN A 61 -7.97 1.28 23.76
CA ASN A 61 -7.03 2.40 23.77
C ASN A 61 -6.31 2.70 22.46
N VAL A 62 -6.61 1.93 21.40
CA VAL A 62 -6.20 2.27 20.05
C VAL A 62 -7.18 1.55 19.11
N VAL A 63 -7.37 2.11 17.94
CA VAL A 63 -8.30 1.57 16.96
C VAL A 63 -7.63 1.33 15.62
N ILE A 64 -7.97 0.19 15.01
CA ILE A 64 -7.66 -0.10 13.61
C ILE A 64 -8.96 0.05 12.86
N GLY A 65 -8.93 0.88 11.81
CA GLY A 65 -10.13 1.23 11.09
C GLY A 65 -10.41 2.70 11.24
N PRO A 66 -11.35 3.20 10.44
CA PRO A 66 -12.19 2.50 9.47
C PRO A 66 -11.52 2.28 8.11
N LEU A 67 -12.30 1.67 7.22
CA LEU A 67 -11.80 1.30 5.91
C LEU A 67 -12.30 2.20 4.80
N SER A 68 -13.59 2.58 4.83
CA SER A 68 -14.13 3.41 3.77
C SER A 68 -13.77 4.87 3.93
N ARG A 69 -13.56 5.52 2.81
CA ARG A 69 -13.29 6.97 2.83
C ARG A 69 -14.34 7.75 3.57
N ASP A 70 -15.61 7.47 3.28
CA ASP A 70 -16.71 8.22 3.87
C ASP A 70 -16.81 8.00 5.38
N SER A 71 -16.53 6.78 5.86
CA SER A 71 -16.47 6.55 7.31
C SER A 71 -15.40 7.35 8.03
N ILE A 72 -14.26 7.51 7.37
CA ILE A 72 -13.16 8.29 7.91
C ILE A 72 -13.56 9.75 8.18
N VAL A 73 -14.22 10.38 7.20
CA VAL A 73 -14.69 11.76 7.29
C VAL A 73 -15.71 11.93 8.42
N LYS A 74 -16.66 11.01 8.51
CA LYS A 74 -17.70 11.04 9.56
C LYS A 74 -17.12 10.89 10.95
N LEU A 75 -16.06 10.12 11.07
CA LEU A 75 -15.46 9.74 12.35
C LEU A 75 -14.47 10.77 12.91
N ALA A 76 -13.68 11.38 12.03
CA ALA A 76 -12.53 12.23 12.45
C ALA A 76 -12.79 13.17 13.67
N PRO A 77 -13.93 13.87 13.67
CA PRO A 77 -14.13 14.82 14.82
C PRO A 77 -14.28 14.12 16.17
N SER A 78 -14.69 12.86 16.14
CA SER A 78 -14.92 12.08 17.37
C SER A 78 -13.70 11.27 17.83
N VAL A 79 -12.64 11.31 17.03
CA VAL A 79 -11.44 10.49 17.33
C VAL A 79 -10.78 10.98 18.59
N THR A 80 -10.72 10.07 19.56
CA THR A 80 -10.15 10.43 20.88
C THR A 80 -9.07 9.50 21.38
N VAL A 81 -8.90 8.35 20.73
CA VAL A 81 -7.74 7.50 20.95
C VAL A 81 -7.00 7.33 19.61
N PRO A 82 -5.70 7.01 19.65
CA PRO A 82 -4.97 6.85 18.42
C PRO A 82 -5.72 5.92 17.50
N THR A 83 -5.96 6.37 16.27
CA THR A 83 -6.80 5.62 15.35
C THR A 83 -6.11 5.50 14.03
N LEU A 84 -5.93 4.23 13.62
CA LEU A 84 -5.24 3.91 12.38
C LEU A 84 -6.25 3.55 11.32
N ALA A 85 -6.70 4.57 10.58
CA ALA A 85 -7.53 4.31 9.40
C ALA A 85 -6.76 3.60 8.30
N LEU A 86 -7.49 2.82 7.49
CA LEU A 86 -6.85 2.04 6.47
C LEU A 86 -7.18 2.56 5.09
N ASN A 87 -7.41 3.85 5.03
CA ASN A 87 -7.53 4.59 3.78
C ASN A 87 -7.00 5.98 4.05
N SER A 88 -6.84 6.78 2.99
CA SER A 88 -6.42 8.18 3.14
C SER A 88 -7.44 8.90 3.95
N VAL A 89 -7.00 9.79 4.81
CA VAL A 89 -7.92 10.76 5.34
C VAL A 89 -8.08 11.76 4.19
N GLY A 90 -9.29 11.83 3.60
CA GLY A 90 -9.52 12.75 2.47
C GLY A 90 -9.31 14.18 2.90
N ARG A 91 -9.33 15.10 1.92
CA ARG A 91 -9.23 16.53 2.20
C ARG A 91 -10.36 17.00 3.15
N GLU A 92 -11.57 16.45 2.98
CA GLU A 92 -12.73 16.89 3.77
C GLU A 92 -12.70 16.39 5.23
N ALA A 93 -11.96 15.33 5.50
CA ALA A 93 -11.81 14.87 6.87
C ALA A 93 -11.29 16.02 7.76
N ALA A 94 -11.82 16.08 8.98
CA ALA A 94 -11.39 17.06 9.97
C ALA A 94 -9.97 16.74 10.44
N ALA A 95 -9.16 17.78 10.57
CA ALA A 95 -7.85 17.61 11.17
C ALA A 95 -8.02 17.08 12.60
N ASN A 96 -7.18 16.12 12.95
CA ASN A 96 -7.22 15.43 14.24
C ASN A 96 -5.90 14.70 14.45
N PRO A 97 -5.14 15.08 15.48
CA PRO A 97 -3.77 14.60 15.57
C PRO A 97 -3.62 13.18 16.04
N LYS A 98 -4.73 12.56 16.48
CA LYS A 98 -4.75 11.16 16.85
C LYS A 98 -5.21 10.27 15.72
N LEU A 99 -5.54 10.85 14.57
CA LEU A 99 -5.97 10.09 13.40
C LEU A 99 -4.85 9.94 12.41
N TYR A 100 -4.54 8.64 12.09
CA TYR A 100 -3.40 8.29 11.25
C TYR A 100 -3.94 7.37 10.14
N SER A 101 -3.12 7.16 9.12
CA SER A 101 -3.52 6.30 7.99
C SER A 101 -2.38 5.32 7.68
N LEU A 102 -2.76 4.07 7.36
CA LEU A 102 -1.85 3.13 6.69
C LEU A 102 -2.65 2.56 5.54
N SER A 103 -2.11 2.65 4.34
CA SER A 103 -2.84 2.20 3.15
C SER A 103 -1.84 1.74 2.08
N LEU A 104 -2.38 1.25 0.97
CA LEU A 104 -1.55 0.79 -0.13
C LEU A 104 -1.54 1.79 -1.28
N ILE A 105 -1.59 3.08 -0.98
CA ILE A 105 -1.72 4.11 -2.03
C ILE A 105 -0.69 3.98 -3.12
N VAL A 106 -1.17 3.89 -4.34
CA VAL A 106 -0.30 3.57 -5.46
C VAL A 106 0.72 4.63 -5.80
N GLU A 107 0.38 5.90 -5.55
CA GLU A 107 1.29 6.97 -5.88
C GLU A 107 2.59 6.80 -5.12
N GLY A 108 2.51 6.27 -3.89
CA GLY A 108 3.70 6.01 -3.11
C GLY A 108 4.66 5.06 -3.80
N GLU A 109 4.14 4.07 -4.49
CA GLU A 109 5.00 3.14 -5.16
C GLU A 109 5.62 3.79 -6.41
N ALA A 110 4.84 4.62 -7.11
CA ALA A 110 5.37 5.30 -8.29
C ALA A 110 6.51 6.22 -7.91
N ARG A 111 6.34 6.95 -6.79
CA ARG A 111 7.38 7.86 -6.38
C ARG A 111 8.66 7.09 -6.05
N GLN A 112 8.53 6.03 -5.29
CA GLN A 112 9.66 5.20 -5.02
C GLN A 112 10.34 4.63 -6.23
N LEU A 113 9.55 4.19 -7.21
CA LEU A 113 10.15 3.64 -8.39
C LEU A 113 11.05 4.67 -9.10
N ALA A 114 10.60 5.93 -9.15
CA ALA A 114 11.45 6.95 -9.70
C ALA A 114 12.74 7.08 -8.91
N ARG A 115 12.65 7.08 -7.57
CA ARG A 115 13.84 7.11 -6.76
C ARG A 115 14.77 5.91 -6.95
N LEU A 116 14.20 4.71 -7.11
CA LEU A 116 14.97 3.48 -7.38
C LEU A 116 15.75 3.62 -8.67
N ARG A 118 16.63 6.35 -10.25
N ARG A 118 16.62 6.35 -10.24
CA ARG A 118 17.72 7.28 -10.04
CA ARG A 118 17.70 7.29 -10.08
C ARG A 118 18.92 6.63 -9.36
C ARG A 118 18.90 6.67 -9.35
N ASP A 119 18.65 5.90 -8.30
CA ASP A 119 19.72 5.17 -7.64
C ASP A 119 20.50 4.24 -8.56
N ASP A 120 19.74 3.61 -9.46
CA ASP A 120 20.31 2.70 -10.48
C ASP A 120 20.93 3.43 -11.69
N SER A 121 21.12 4.75 -11.61
CA SER A 121 21.78 5.56 -12.64
C SER A 121 21.14 5.50 -14.01
N ARG A 122 19.82 5.39 -14.03
CA ARG A 122 19.09 5.48 -15.29
C ARG A 122 19.01 6.96 -15.62
N ALA A 123 19.70 7.39 -16.65
CA ALA A 123 19.77 8.81 -16.99
C ALA A 123 18.65 9.29 -17.92
N ALA A 124 18.12 8.38 -18.71
CA ALA A 124 17.18 8.74 -19.75
C ALA A 124 16.11 7.64 -19.88
N PRO A 125 15.34 7.43 -18.83
CA PRO A 125 14.31 6.41 -18.94
C PRO A 125 13.12 6.90 -19.76
N LEU A 126 12.40 5.94 -20.32
CA LEU A 126 11.13 6.19 -20.94
C LEU A 126 10.02 5.69 -20.05
N LEU A 127 9.12 6.58 -19.65
CA LEU A 127 7.93 6.21 -18.87
C LEU A 127 6.80 5.89 -19.83
N VAL A 128 6.29 4.66 -19.76
CA VAL A 128 5.21 4.26 -20.63
C VAL A 128 3.97 4.14 -19.81
N VAL A 129 2.90 4.81 -20.24
CA VAL A 129 1.68 4.92 -19.43
C VAL A 129 0.42 4.44 -20.17
N GLY A 130 -0.28 3.50 -19.51
CA GLY A 130 -1.54 2.96 -20.03
C GLY A 130 -2.68 3.97 -19.91
N GLY A 131 -3.86 3.54 -20.30
CA GLY A 131 -5.03 4.40 -20.35
C GLY A 131 -6.04 4.19 -19.23
N ASP A 132 -5.79 3.23 -18.36
CA ASP A 132 -6.72 2.94 -17.27
C ASP A 132 -6.38 3.91 -16.13
N ALA A 133 -7.31 4.08 -15.22
CA ALA A 133 -7.15 5.13 -14.20
C ALA A 133 -5.94 4.88 -13.28
N LEU A 134 -5.67 3.63 -12.92
CA LEU A 134 -4.54 3.35 -12.01
C LEU A 134 -3.26 3.70 -12.72
N SER A 135 -3.12 3.26 -13.99
CA SER A 135 -1.89 3.51 -14.69
C SER A 135 -1.65 5.01 -14.80
N GLN A 136 -2.72 5.75 -15.05
CA GLN A 136 -2.53 7.21 -15.27
C GLN A 136 -2.15 7.89 -13.98
N ARG A 137 -2.65 7.40 -12.85
CA ARG A 137 -2.25 7.93 -11.53
C ARG A 137 -0.79 7.63 -11.25
N LEU A 138 -0.36 6.40 -11.58
CA LEU A 138 1.03 6.02 -11.39
C LEU A 138 1.96 6.85 -12.24
N GLY A 139 1.57 7.05 -13.49
CA GLY A 139 2.44 7.75 -14.37
C GLY A 139 2.65 9.20 -13.92
N LYS A 140 1.57 9.88 -13.55
CA LYS A 140 1.70 11.27 -13.03
C LYS A 140 2.62 11.32 -11.81
N ALA A 141 2.39 10.42 -10.86
CA ALA A 141 3.18 10.40 -9.66
C ALA A 141 4.65 10.11 -9.95
N PHE A 142 4.92 9.13 -10.86
CA PHE A 142 6.28 8.88 -11.27
C PHE A 142 6.94 10.14 -11.89
N ALA A 143 6.25 10.73 -12.83
CA ALA A 143 6.76 11.83 -13.60
C ALA A 143 7.04 13.02 -12.67
N ASP A 144 6.14 13.26 -11.74
CA ASP A 144 6.35 14.39 -10.81
C ASP A 144 7.59 14.17 -9.96
N GLU A 145 7.75 12.96 -9.44
CA GLU A 145 8.90 12.62 -8.63
C GLU A 145 10.21 12.72 -9.42
N TRP A 146 10.21 12.19 -10.65
CA TRP A 146 11.40 12.25 -11.50
C TRP A 146 11.82 13.71 -11.72
N ARG A 147 10.85 14.54 -12.08
CA ARG A 147 11.14 15.97 -12.29
C ARG A 147 11.74 16.64 -11.03
N ALA A 148 11.16 16.32 -9.86
CA ALA A 148 11.63 16.86 -8.59
C ALA A 148 13.10 16.52 -8.35
N ALA A 149 13.43 15.25 -8.59
CA ALA A 149 14.77 14.74 -8.36
C ALA A 149 15.78 15.20 -9.43
N ALA A 150 15.37 15.18 -10.70
CA ALA A 150 16.30 15.43 -11.82
C ALA A 150 16.30 16.88 -12.30
N GLY A 151 15.27 17.62 -11.92
CA GLY A 151 15.11 19.00 -12.38
C GLY A 151 14.79 19.12 -13.86
N LYS A 152 14.45 18.01 -14.51
CA LYS A 152 14.04 18.00 -15.93
C LYS A 152 12.94 16.92 -15.99
N PRO A 153 11.97 17.07 -16.91
CA PRO A 153 10.91 16.04 -17.06
C PRO A 153 11.44 14.71 -17.56
N VAL A 154 10.77 13.65 -17.18
CA VAL A 154 11.01 12.33 -17.79
C VAL A 154 10.32 12.28 -19.15
N ARG A 155 10.95 11.61 -20.11
N ARG A 155 10.95 11.62 -20.12
CA ARG A 155 10.28 11.28 -21.38
CA ARG A 155 10.28 11.26 -21.40
C ARG A 155 9.14 10.33 -21.11
C ARG A 155 9.12 10.34 -21.08
N GLN A 156 7.94 10.69 -21.57
CA GLN A 156 6.73 9.98 -21.25
C GLN A 156 5.91 9.72 -22.52
N ALA A 158 2.34 7.72 -24.07
CA ALA A 158 1.10 6.96 -23.94
C ALA A 158 1.24 5.63 -24.70
N PHE A 159 0.97 4.53 -24.01
CA PHE A 159 0.96 3.22 -24.68
C PHE A 159 -0.12 3.16 -25.75
N ASP A 160 0.24 2.60 -26.93
CA ASP A 160 -0.64 2.46 -28.06
C ASP A 160 -0.53 1.00 -28.50
N ALA A 161 -1.50 0.20 -28.08
CA ALA A 161 -1.59 -1.23 -28.48
C ALA A 161 -1.65 -1.51 -30.00
N ASN A 162 -2.25 -0.61 -30.83
CA ASN A 162 -2.43 -0.82 -32.23
C ASN A 162 -1.31 -0.23 -33.12
N ASP A 163 -0.34 0.38 -32.44
CA ASP A 163 0.81 0.88 -33.17
C ASP A 163 1.99 1.10 -32.23
N ALA A 165 5.15 0.59 -32.87
CA ALA A 165 6.43 0.96 -33.48
C ALA A 165 7.04 2.28 -32.94
N PRO A 166 6.27 3.36 -32.87
CA PRO A 166 6.83 4.62 -32.33
C PRO A 166 7.37 4.46 -30.93
N LEU A 167 6.65 3.74 -30.06
CA LEU A 167 7.13 3.47 -28.70
C LEU A 167 8.42 2.62 -28.69
N LEU A 168 8.48 1.60 -29.53
CA LEU A 168 9.71 0.84 -29.63
C LEU A 168 10.90 1.67 -30.10
N GLN A 169 10.67 2.62 -31.02
CA GLN A 169 11.74 3.52 -31.43
C GLN A 169 12.20 4.41 -30.27
N ALA A 170 11.25 5.00 -29.55
CA ALA A 170 11.58 5.82 -28.37
C ALA A 170 12.29 5.00 -27.33
N ALA A 171 11.84 3.74 -27.14
CA ALA A 171 12.45 2.87 -26.12
C ALA A 171 13.89 2.54 -26.46
N GLY A 172 14.21 2.47 -27.76
CA GLY A 172 15.56 2.26 -28.24
C GLY A 172 16.54 3.35 -27.85
N GLN A 173 16.04 4.58 -27.64
CA GLN A 173 16.91 5.70 -27.29
C GLN A 173 17.05 5.86 -25.77
N ALA A 174 16.34 5.04 -25.02
CA ALA A 174 16.28 5.10 -23.55
C ALA A 174 17.25 4.12 -22.90
N ASP A 175 17.69 4.44 -21.69
CA ASP A 175 18.54 3.50 -20.94
C ASP A 175 17.76 2.66 -19.91
N ALA A 176 16.44 2.87 -19.86
CA ALA A 176 15.53 2.01 -19.11
C ALA A 176 14.11 2.36 -19.47
N VAL A 177 13.19 1.46 -19.16
CA VAL A 177 11.77 1.70 -19.33
C VAL A 177 11.05 1.57 -18.00
N ALA A 178 10.21 2.53 -17.68
CA ALA A 178 9.35 2.48 -16.51
C ALA A 178 7.94 2.24 -16.96
N LEU A 179 7.29 1.21 -16.44
CA LEU A 179 5.94 0.87 -16.81
C LEU A 179 4.93 1.34 -15.80
N ALA A 180 3.96 2.12 -16.24
CA ALA A 180 2.73 2.34 -15.52
C ALA A 180 1.64 1.86 -16.45
N LEU A 181 1.43 0.54 -16.46
CA LEU A 181 0.71 -0.13 -17.51
C LEU A 181 0.10 -1.38 -16.90
N ASP A 182 -1.11 -1.72 -17.35
CA ASP A 182 -1.79 -2.92 -16.88
C ASP A 182 -0.96 -4.16 -17.26
N VAL A 183 -1.10 -5.22 -16.47
CA VAL A 183 -0.22 -6.36 -16.57
C VAL A 183 -0.31 -7.05 -17.93
N ALA A 184 -1.51 -7.12 -18.53
CA ALA A 184 -1.64 -7.72 -19.88
C ALA A 184 -0.85 -6.95 -20.94
N GLN A 185 -1.02 -5.63 -20.97
CA GLN A 185 -0.28 -4.81 -21.90
C GLN A 185 1.21 -4.77 -21.59
N ALA A 186 1.56 -4.79 -20.30
CA ALA A 186 2.96 -4.81 -19.93
C ALA A 186 3.68 -6.01 -20.44
N ALA A 187 2.99 -7.14 -20.38
CA ALA A 187 3.56 -8.38 -20.88
C ALA A 187 3.75 -8.34 -22.39
N ARG A 188 2.76 -7.79 -23.09
CA ARG A 188 2.92 -7.60 -24.56
C ARG A 188 4.08 -6.66 -24.89
N LEU A 189 4.21 -5.57 -24.12
CA LEU A 189 5.27 -4.65 -24.44
C LEU A 189 6.66 -5.27 -24.12
N LYS A 190 6.76 -5.96 -22.97
CA LYS A 190 8.03 -6.58 -22.60
C LYS A 190 8.52 -7.53 -23.69
N SER A 191 7.58 -8.27 -24.32
CA SER A 191 7.91 -9.19 -25.38
C SER A 191 8.38 -8.49 -26.69
N ALA A 192 7.98 -7.24 -26.86
CA ALA A 192 8.39 -6.46 -28.03
C ALA A 192 9.68 -5.67 -27.85
N LEU A 193 10.01 -5.36 -26.60
CA LEU A 193 11.16 -4.51 -26.34
C LEU A 193 12.40 -5.30 -26.59
N THR A 194 13.50 -4.58 -26.83
CA THR A 194 14.77 -5.26 -26.95
C THR A 194 15.01 -6.07 -25.65
N PRO A 195 15.54 -7.31 -25.77
CA PRO A 195 15.54 -8.16 -24.57
C PRO A 195 16.37 -7.66 -23.37
N ASP A 196 17.37 -6.84 -23.65
CA ASP A 196 18.33 -6.38 -22.65
C ASP A 196 18.00 -5.05 -21.98
N VAL A 197 17.04 -4.27 -22.51
CA VAL A 197 16.79 -2.99 -21.89
C VAL A 197 16.19 -3.21 -20.50
N PRO A 198 16.73 -2.50 -19.48
CA PRO A 198 16.13 -2.62 -18.16
C PRO A 198 14.70 -2.11 -18.12
N VAL A 199 13.80 -2.90 -17.54
CA VAL A 199 12.39 -2.57 -17.45
C VAL A 199 12.00 -2.65 -15.98
N TYR A 200 11.27 -1.63 -15.52
CA TYR A 200 10.86 -1.49 -14.15
C TYR A 200 9.37 -1.29 -14.04
N GLY A 201 8.79 -1.75 -12.96
CA GLY A 201 7.39 -1.48 -12.64
C GLY A 201 7.18 -1.41 -11.12
N THR A 202 5.94 -1.11 -10.75
CA THR A 202 5.48 -1.18 -9.39
C THR A 202 4.82 -2.53 -9.14
N SER A 203 4.19 -2.70 -7.98
CA SER A 203 3.56 -3.94 -7.62
C SER A 203 2.35 -4.22 -8.51
N GLN A 204 1.91 -3.21 -9.28
CA GLN A 204 0.92 -3.37 -10.35
C GLN A 204 1.22 -4.62 -11.19
N LEU A 205 2.51 -4.89 -11.43
CA LEU A 205 2.92 -6.02 -12.29
C LEU A 205 2.97 -7.36 -11.64
N ASN A 206 2.97 -7.38 -10.30
CA ASN A 206 3.10 -8.62 -9.55
C ASN A 206 1.70 -9.07 -9.13
N VAL A 207 1.10 -9.85 -9.99
CA VAL A 207 -0.28 -10.24 -9.81
C VAL A 207 -0.42 -11.64 -9.26
N GLY A 208 0.63 -12.44 -9.42
CA GLY A 208 0.65 -13.81 -9.00
C GLY A 208 0.57 -14.75 -10.16
N GLY A 209 0.70 -16.03 -9.88
CA GLY A 209 0.67 -17.07 -10.92
C GLY A 209 1.85 -17.02 -11.90
N GLN A 211 3.92 -15.80 -14.79
CA GLN A 211 4.11 -14.54 -15.54
C GLN A 211 5.40 -14.59 -16.36
N PRO A 212 5.57 -15.63 -17.22
CA PRO A 212 6.86 -15.76 -17.92
C PRO A 212 7.24 -14.62 -18.85
N GLU A 213 6.24 -13.88 -19.37
CA GLU A 213 6.57 -12.72 -20.25
C GLU A 213 7.18 -11.55 -19.52
N LEU A 214 6.98 -11.47 -18.20
CA LEU A 214 7.50 -10.33 -17.40
C LEU A 214 8.82 -10.67 -16.68
N ALA A 215 9.36 -11.84 -16.94
CA ALA A 215 10.63 -12.29 -16.35
C ALA A 215 11.71 -11.26 -16.56
N GLY A 216 12.40 -10.95 -15.48
CA GLY A 216 13.49 -9.97 -15.56
C GLY A 216 13.10 -8.53 -15.30
N VAL A 217 11.80 -8.23 -15.24
CA VAL A 217 11.36 -6.90 -14.90
C VAL A 217 11.71 -6.65 -13.44
N ARG A 218 12.28 -5.48 -13.19
CA ARG A 218 12.63 -5.08 -11.83
C ARG A 218 11.40 -4.36 -11.27
N PHE A 219 10.99 -4.71 -10.07
CA PHE A 219 9.81 -4.08 -9.50
C PHE A 219 9.98 -3.93 -7.99
N ILE A 220 9.09 -3.14 -7.40
CA ILE A 220 9.04 -2.96 -5.95
C ILE A 220 7.74 -3.52 -5.43
N ASP A 221 7.82 -4.13 -4.26
CA ASP A 221 6.65 -4.68 -3.61
C ASP A 221 6.99 -4.94 -2.14
N PRO A 223 7.97 -6.50 1.45
CA PRO A 223 8.82 -7.55 2.06
C PRO A 223 8.09 -8.88 2.21
N TRP A 224 6.78 -8.80 2.47
CA TRP A 224 5.97 -9.98 2.64
C TRP A 224 6.15 -10.98 1.46
N PHE A 225 6.29 -10.45 0.24
CA PHE A 225 6.53 -11.28 -0.94
C PHE A 225 8.01 -11.40 -1.29
N LEU A 226 8.78 -10.33 -1.15
CA LEU A 226 10.13 -10.27 -1.71
C LEU A 226 11.27 -10.67 -0.76
N PRO A 228 11.67 -13.24 2.10
CA PRO A 228 11.25 -14.33 2.97
C PRO A 228 12.01 -14.36 4.29
N ALA A 229 13.27 -13.93 4.27
CA ALA A 229 14.11 -13.96 5.48
C ALA A 229 14.14 -12.64 6.30
N HIS A 230 13.29 -11.68 5.94
CA HIS A 230 13.06 -10.51 6.77
C HIS A 230 12.55 -11.01 8.12
N PRO A 231 13.08 -10.48 9.24
CA PRO A 231 12.73 -10.98 10.57
C PRO A 231 11.23 -10.92 10.88
N ALA A 232 10.55 -9.86 10.45
CA ALA A 232 9.11 -9.78 10.68
C ALA A 232 8.32 -10.67 9.74
N VAL A 233 8.74 -10.71 8.48
CA VAL A 233 8.03 -11.53 7.52
C VAL A 233 8.00 -12.98 8.04
N GLN A 234 9.12 -13.47 8.54
CA GLN A 234 9.23 -14.88 8.97
C GLN A 234 8.38 -15.27 10.14
N ARG A 235 8.14 -14.36 11.08
N ARG A 235 8.13 -14.32 11.04
CA ARG A 235 7.47 -14.79 12.27
CA ARG A 235 7.46 -14.63 12.28
C ARG A 235 5.95 -14.92 12.16
C ARG A 235 5.97 -14.90 12.15
N TYR A 236 5.35 -14.40 11.10
CA TYR A 236 3.89 -14.51 10.97
C TYR A 236 3.49 -15.59 9.97
N PRO A 237 2.40 -16.30 10.26
CA PRO A 237 2.01 -17.37 9.32
C PRO A 237 1.50 -16.80 8.00
N ARG A 238 1.72 -17.53 6.92
CA ARG A 238 1.17 -17.17 5.63
C ARG A 238 -0.34 -17.37 5.74
N PRO A 239 -1.14 -16.73 4.86
CA PRO A 239 -2.58 -17.00 4.94
C PRO A 239 -2.89 -18.46 4.64
N ALA A 240 -3.94 -18.94 5.30
CA ALA A 240 -4.45 -20.27 5.11
C ALA A 240 -4.85 -20.45 3.64
N ALA A 241 -5.58 -19.49 3.08
CA ALA A 241 -5.99 -19.57 1.69
C ALA A 241 -4.92 -18.94 0.82
N PRO A 242 -4.60 -19.59 -0.29
CA PRO A 242 -3.84 -18.97 -1.35
C PRO A 242 -4.59 -17.74 -1.81
N LEU A 243 -4.02 -16.58 -1.62
CA LEU A 243 -4.70 -15.36 -2.06
C LEU A 243 -4.04 -14.85 -3.31
N THR A 244 -4.81 -14.11 -4.12
CA THR A 244 -4.24 -13.23 -5.12
C THR A 244 -3.23 -12.36 -4.43
N ARG A 245 -2.26 -11.85 -5.19
CA ARG A 245 -1.35 -10.88 -4.62
C ARG A 245 -2.11 -9.70 -4.04
N GLN A 246 -3.15 -9.26 -4.76
N GLN A 246 -3.15 -9.21 -4.71
CA GLN A 246 -3.99 -8.11 -4.35
CA GLN A 246 -3.80 -8.01 -4.17
C GLN A 246 -4.52 -8.32 -2.95
C GLN A 246 -4.56 -8.30 -2.88
N THR A 247 -5.18 -9.46 -2.77
CA THR A 247 -5.77 -9.85 -1.50
C THR A 247 -4.77 -10.13 -0.35
N GLU A 248 -3.73 -10.91 -0.65
CA GLU A 248 -2.67 -11.17 0.31
C GLU A 248 -2.02 -9.86 0.76
N ARG A 249 -1.97 -8.83 -0.09
CA ARG A 249 -1.49 -7.53 0.36
C ARG A 249 -2.37 -7.05 1.51
N LEU A 250 -3.66 -7.36 1.49
CA LEU A 250 -4.57 -6.91 2.56
C LEU A 250 -4.34 -7.67 3.84
N TYR A 251 -3.98 -8.94 3.74
CA TYR A 251 -3.61 -9.74 4.91
C TYR A 251 -2.36 -9.14 5.59
N ALA A 252 -1.37 -8.80 4.76
CA ALA A 252 -0.14 -8.21 5.26
C ALA A 252 -0.44 -6.84 5.84
N LEU A 253 -1.38 -6.13 5.23
CA LEU A 253 -1.78 -4.81 5.76
C LEU A 253 -2.32 -4.99 7.16
N GLY A 254 -3.12 -6.03 7.37
CA GLY A 254 -3.64 -6.38 8.71
C GLY A 254 -2.56 -6.64 9.73
N ILE A 255 -1.53 -7.38 9.33
CA ILE A 255 -0.42 -7.66 10.23
C ILE A 255 0.19 -6.33 10.65
N ASP A 256 0.58 -5.50 9.71
CA ASP A 256 1.22 -4.22 10.11
C ASP A 256 0.29 -3.26 10.84
N ALA A 257 -1.02 -3.33 10.60
CA ALA A 257 -1.99 -2.45 11.33
C ALA A 257 -1.96 -2.85 12.82
N TYR A 258 -1.98 -4.17 13.10
CA TYR A 258 -1.87 -4.66 14.42
C TYR A 258 -0.56 -4.12 15.05
N ARG A 259 0.57 -4.25 14.33
CA ARG A 259 1.86 -3.88 14.89
C ARG A 259 1.95 -2.40 15.17
N LEU A 260 1.47 -1.60 14.24
CA LEU A 260 1.45 -0.13 14.44
C LEU A 260 0.52 0.28 15.55
N ALA A 261 -0.65 -0.35 15.63
CA ALA A 261 -1.59 -0.05 16.73
C ALA A 261 -0.96 -0.27 18.06
N VAL A 262 -0.22 -1.36 18.23
CA VAL A 262 0.44 -1.63 19.50
C VAL A 262 1.43 -0.51 19.84
N GLN A 263 2.17 -0.02 18.85
CA GLN A 263 3.11 1.07 19.09
C GLN A 263 2.41 2.40 19.40
N LEU A 264 1.30 2.64 18.66
CA LEU A 264 0.53 3.89 18.82
C LEU A 264 -0.14 3.99 20.17
N ALA A 265 -0.41 2.86 20.78
CA ALA A 265 -0.98 2.83 22.11
C ALA A 265 0.06 3.18 23.17
N GLY A 266 1.33 2.86 22.86
CA GLY A 266 2.43 3.00 23.73
C GLY A 266 3.32 4.26 23.57
N SER A 267 2.92 5.14 22.65
CA SER A 267 3.70 6.36 22.28
C SER A 267 2.94 7.65 22.63
N ARG A 268 3.67 8.76 22.81
CA ARG A 268 3.05 10.10 22.90
C ARG A 268 2.36 10.53 21.55
N SER A 269 2.99 10.22 20.42
CA SER A 269 2.34 10.40 19.11
C SER A 269 2.94 9.52 18.04
N GLY A 270 2.32 9.56 16.86
CA GLY A 270 2.76 8.79 15.73
C GLY A 270 4.11 9.22 15.27
N ALA A 271 4.54 10.44 15.62
CA ALA A 271 5.75 10.99 15.01
C ALA A 271 7.00 10.16 15.31
N ALA A 272 7.04 9.54 16.49
CA ALA A 272 8.17 8.74 16.90
C ALA A 272 7.99 7.26 16.52
N VAL A 273 6.94 6.91 15.78
CA VAL A 273 6.61 5.52 15.48
C VAL A 273 7.17 5.17 14.10
N ARG A 274 8.02 4.14 14.07
CA ARG A 274 8.56 3.59 12.85
C ARG A 274 8.40 2.07 12.97
N LEU A 275 8.35 1.37 11.84
CA LEU A 275 8.16 -0.08 11.85
C LEU A 275 8.86 -0.74 10.67
N ASP A 276 9.53 -1.85 10.92
CA ASP A 276 9.98 -2.78 9.86
C ASP A 276 8.78 -3.63 9.41
N GLY A 277 7.92 -2.99 8.65
CA GLY A 277 6.63 -3.54 8.33
C GLY A 277 6.79 -4.69 7.35
N VAL A 278 5.90 -5.66 7.47
CA VAL A 278 5.82 -6.67 6.40
C VAL A 278 5.33 -6.04 5.10
N THR A 279 4.72 -4.83 5.16
CA THR A 279 4.24 -4.15 3.97
C THR A 279 5.26 -3.13 3.48
N GLY A 280 6.34 -2.96 4.23
CA GLY A 280 7.42 -2.02 3.91
C GLY A 280 7.90 -1.35 5.17
N ASP A 281 9.02 -0.64 5.05
CA ASP A 281 9.51 0.14 6.19
C ASP A 281 8.59 1.35 6.33
N LEU A 282 8.04 1.56 7.52
CA LEU A 282 7.03 2.54 7.75
C LEU A 282 7.54 3.67 8.65
N LYS A 283 7.13 4.88 8.28
CA LYS A 283 7.35 6.09 9.06
C LYS A 283 6.34 7.15 8.66
N LEU A 284 6.03 8.06 9.58
CA LEU A 284 4.94 8.99 9.35
C LEU A 284 5.40 10.06 8.37
N GLY A 285 4.52 10.39 7.43
CA GLY A 285 4.73 11.45 6.43
C GLY A 285 3.50 12.32 6.29
N ARG A 286 3.31 12.85 5.09
CA ARG A 286 2.22 13.78 4.84
C ARG A 286 0.84 13.25 5.20
N ASP A 287 -0.03 14.13 5.68
CA ASP A 287 -1.43 13.72 5.92
C ASP A 287 -1.49 12.67 7.08
N ARG A 288 -0.49 12.68 7.99
CA ARG A 288 -0.40 11.66 9.08
C ARG A 288 -0.60 10.24 8.51
N ALA A 289 -0.07 10.03 7.30
CA ALA A 289 -0.07 8.72 6.69
C ALA A 289 1.30 8.11 6.90
N PHE A 290 1.31 6.83 7.27
CA PHE A 290 2.56 6.07 7.38
C PHE A 290 2.96 5.73 5.98
N GLU A 291 4.06 6.30 5.50
CA GLU A 291 4.53 5.98 4.19
C GLU A 291 5.35 4.69 4.22
N ARG A 292 5.33 3.98 3.10
CA ARG A 292 5.86 2.64 2.99
C ARG A 292 7.01 2.61 2.01
N GLN A 293 8.18 2.27 2.51
CA GLN A 293 9.40 2.21 1.72
C GLN A 293 9.59 0.74 1.37
N LEU A 294 9.73 0.45 0.08
CA LEU A 294 9.65 -0.93 -0.40
C LEU A 294 10.99 -1.41 -0.96
N PRO A 295 11.29 -2.70 -0.77
CA PRO A 295 12.43 -3.34 -1.40
C PRO A 295 12.14 -3.63 -2.91
N ALA A 296 13.23 -3.81 -3.64
CA ALA A 296 13.15 -4.18 -5.04
C ALA A 296 13.31 -5.66 -5.21
N GLY A 297 12.74 -6.13 -6.29
CA GLY A 297 12.75 -7.52 -6.67
C GLY A 297 12.85 -7.63 -8.16
N VAL A 298 13.02 -8.86 -8.64
CA VAL A 298 13.08 -9.13 -10.07
C VAL A 298 12.06 -10.22 -10.31
#